data_4RH0
#
_entry.id   4RH0
#
_cell.length_a   54.050
_cell.length_b   63.000
_cell.length_c   143.020
_cell.angle_alpha   90.00
_cell.angle_beta   90.00
_cell.angle_gamma   90.00
#
_symmetry.space_group_name_H-M   'P 21 21 21'
#
loop_
_entity.id
_entity.type
_entity.pdbx_description
1 polymer 'Spore photoproduct lyase'
2 non-polymer [(3S)-3-amino-4-hydroxy-4-oxo-butyl]-[[(2S,3S,4R,5R)-5-(6-aminopurin-9-yl)-3,4-dihydroxy-oxolan-2-yl]methyl]-methyl-selanium
3 non-polymer 'SULFATE ION'
4 non-polymer 1,2-ETHANEDIOL
5 non-polymer 'IRON/SULFUR CLUSTER'
6 water water
#
_entity_poly.entity_id   1
_entity_poly.type   'polypeptide(L)'
_entity_poly.pdbx_seq_one_letter_code
;MKHHHHHHPMSDYDIPTTENLYFQGAMGKPFVPKLVYFEPEALSYPLGKELYEKFTQMGIKIRETTSHNQVRGIPGETEL
ARYRNAKSTLVVGVRRTLKFDSCKPSAEYAIPLATGCMGHCHYCYLQTTLGSKPYIRVYVNLDDIFAQAQKYINERAPEI
TRFEAAATSDIVGIDHLTHSLKKAIEFIGATDYGRLRFVTKYEHVDHLLDARHNGKTRFRFSINSRYVINHFEPGTSSFD
GRLAAARKVAGAGYKLGFVVAPIYRHEGWERGYFELFQELARQLEGMDLSDLTFELIQHRFTKPAKRVIEQRYPKTRLDL
DETKRKYKWGRYGIGKYVYRDEEAKELEDTMRRYIEQFFPGAYVQYFT
;
_entity_poly.pdbx_strand_id   A
#
loop_
_chem_comp.id
_chem_comp.type
_chem_comp.name
_chem_comp.formula
EDO non-polymer 1,2-ETHANEDIOL 'C2 H6 O2'
EEM non-polymer [(3S)-3-amino-4-hydroxy-4-oxo-butyl]-[[(2S,3S,4R,5R)-5-(6-aminopurin-9-yl)-3,4-dihydroxy-oxolan-2-yl]methyl]-methyl-selanium 'C15 H23 N6 O5 Se 1'
SF4 non-polymer 'IRON/SULFUR CLUSTER' 'Fe4 S4'
SO4 non-polymer 'SULFATE ION' 'O4 S -2'
#
# COMPACT_ATOMS: atom_id res chain seq x y z
N LYS A 29 -15.25 11.52 -3.27
CA LYS A 29 -13.81 11.28 -3.58
C LYS A 29 -13.19 10.17 -2.72
N PRO A 30 -13.45 10.15 -1.40
CA PRO A 30 -13.07 8.95 -0.64
C PRO A 30 -13.79 7.70 -1.16
N PHE A 31 -13.12 6.56 -1.14
CA PHE A 31 -13.66 5.35 -1.75
C PHE A 31 -14.96 4.86 -1.08
N VAL A 32 -15.97 4.60 -1.90
CA VAL A 32 -17.20 3.95 -1.47
C VAL A 32 -17.53 2.86 -2.49
N PRO A 33 -17.72 1.61 -2.04
CA PRO A 33 -17.99 0.52 -2.98
C PRO A 33 -19.40 0.59 -3.58
N LYS A 34 -19.55 0.05 -4.79
CA LYS A 34 -20.84 -0.03 -5.46
C LYS A 34 -21.48 -1.40 -5.26
N LEU A 35 -20.72 -2.34 -4.72
CA LEU A 35 -21.18 -3.70 -4.47
C LEU A 35 -20.43 -4.24 -3.25
N VAL A 36 -21.13 -4.91 -2.34
CA VAL A 36 -20.50 -5.45 -1.14
C VAL A 36 -20.90 -6.90 -0.91
N TYR A 37 -19.90 -7.75 -0.71
CA TYR A 37 -20.11 -9.14 -0.30
C TYR A 37 -19.79 -9.28 1.19
N PHE A 38 -20.57 -10.12 1.87
CA PHE A 38 -20.31 -10.49 3.25
C PHE A 38 -20.20 -12.00 3.37
N GLU A 39 -19.21 -12.47 4.14
CA GLU A 39 -19.23 -13.85 4.64
C GLU A 39 -20.28 -13.87 5.75
N PRO A 40 -21.11 -14.92 5.82
CA PRO A 40 -22.09 -14.96 6.90
C PRO A 40 -21.46 -14.87 8.31
N GLU A 41 -20.29 -15.46 8.47
CA GLU A 41 -19.58 -15.44 9.76
C GLU A 41 -19.11 -14.04 10.15
N ALA A 42 -18.90 -13.17 9.17
CA ALA A 42 -18.45 -11.80 9.40
C ALA A 42 -19.43 -10.99 10.26
N LEU A 43 -20.72 -11.30 10.15
CA LEU A 43 -21.76 -10.61 10.94
C LEU A 43 -21.64 -10.88 12.44
N SER A 44 -20.93 -11.94 12.82
CA SER A 44 -20.70 -12.26 14.25
C SER A 44 -19.72 -11.32 14.94
N TYR A 45 -18.99 -10.50 14.17
CA TYR A 45 -18.01 -9.58 14.72
C TYR A 45 -18.52 -8.14 14.62
N PRO A 46 -18.09 -7.26 15.55
CA PRO A 46 -18.54 -5.87 15.59
C PRO A 46 -18.41 -5.11 14.27
N LEU A 47 -17.27 -5.24 13.58
CA LEU A 47 -17.06 -4.52 12.33
C LEU A 47 -17.99 -5.02 11.24
N GLY A 48 -18.20 -6.33 11.16
CA GLY A 48 -19.08 -6.91 10.17
C GLY A 48 -20.51 -6.43 10.37
N LYS A 49 -20.97 -6.48 11.61
CA LYS A 49 -22.29 -5.98 11.98
C LYS A 49 -22.43 -4.51 11.62
N GLU A 50 -21.40 -3.72 11.97
CA GLU A 50 -21.40 -2.28 11.72
C GLU A 50 -21.43 -1.94 10.22
N LEU A 51 -20.66 -2.68 9.42
CA LEU A 51 -20.60 -2.45 7.98
C LEU A 51 -21.91 -2.86 7.29
N TYR A 52 -22.51 -3.95 7.74
CA TYR A 52 -23.79 -4.39 7.20
C TYR A 52 -24.86 -3.33 7.44
N GLU A 53 -24.89 -2.78 8.66
CA GLU A 53 -25.82 -1.71 9.01
C GLU A 53 -25.58 -0.46 8.18
N LYS A 54 -24.31 -0.07 8.03
CA LYS A 54 -23.93 1.10 7.26
C LYS A 54 -24.37 0.97 5.80
N PHE A 55 -23.99 -0.12 5.16
CA PHE A 55 -24.22 -0.29 3.72
C PHE A 55 -25.70 -0.55 3.36
N THR A 56 -26.46 -1.17 4.25
CA THR A 56 -27.89 -1.33 4.03
C THR A 56 -28.59 0.03 4.16
N GLN A 57 -28.14 0.83 5.12
CA GLN A 57 -28.66 2.18 5.30
C GLN A 57 -28.40 3.06 4.06
N MET A 58 -27.25 2.85 3.43
CA MET A 58 -26.90 3.59 2.20
C MET A 58 -27.61 3.05 0.95
N GLY A 59 -28.25 1.89 1.07
CA GLY A 59 -28.98 1.29 -0.04
C GLY A 59 -28.09 0.65 -1.09
N ILE A 60 -26.88 0.28 -0.70
CA ILE A 60 -25.90 -0.32 -1.62
C ILE A 60 -26.19 -1.80 -1.76
N LYS A 61 -25.96 -2.34 -2.97
CA LYS A 61 -26.22 -3.75 -3.26
C LYS A 61 -25.31 -4.66 -2.45
N ILE A 62 -25.91 -5.62 -1.75
CA ILE A 62 -25.17 -6.50 -0.86
C ILE A 62 -25.48 -7.97 -1.17
N ARG A 63 -24.43 -8.77 -1.27
CA ARG A 63 -24.56 -10.21 -1.51
C ARG A 63 -23.84 -11.02 -0.44
N GLU A 64 -24.10 -12.33 -0.46
CA GLU A 64 -23.48 -13.27 0.46
C GLU A 64 -22.43 -14.07 -0.29
N THR A 65 -21.35 -14.44 0.40
CA THR A 65 -20.33 -15.32 -0.17
C THR A 65 -19.84 -16.28 0.91
N THR A 66 -19.61 -17.55 0.54
CA THR A 66 -19.14 -18.55 1.49
C THR A 66 -17.74 -18.20 2.00
N SER A 67 -16.86 -17.85 1.08
CA SER A 67 -15.49 -17.44 1.42
C SER A 67 -15.11 -16.15 0.69
N HIS A 68 -14.39 -15.27 1.39
CA HIS A 68 -13.90 -14.01 0.81
C HIS A 68 -12.88 -14.22 -0.32
N ASN A 69 -12.31 -15.42 -0.42
CA ASN A 69 -11.37 -15.77 -1.49
C ASN A 69 -12.04 -16.43 -2.70
N GLN A 70 -13.36 -16.60 -2.64
CA GLN A 70 -14.13 -17.11 -3.78
C GLN A 70 -15.45 -16.34 -3.92
N VAL A 71 -15.37 -15.19 -4.59
CA VAL A 71 -16.52 -14.31 -4.78
C VAL A 71 -17.09 -14.52 -6.18
N ARG A 72 -18.37 -14.88 -6.25
CA ARG A 72 -19.03 -15.20 -7.51
C ARG A 72 -19.95 -14.07 -7.96
N GLY A 73 -20.11 -13.93 -9.28
CA GLY A 73 -21.13 -13.08 -9.85
C GLY A 73 -20.84 -11.58 -9.91
N ILE A 74 -19.56 -11.21 -9.82
CA ILE A 74 -19.18 -9.81 -10.02
C ILE A 74 -19.52 -9.47 -11.49
N PRO A 75 -20.29 -8.39 -11.71
CA PRO A 75 -20.82 -8.12 -13.06
C PRO A 75 -19.74 -7.88 -14.12
N GLY A 76 -20.08 -8.12 -15.38
CA GLY A 76 -19.17 -7.91 -16.49
C GLY A 76 -19.15 -9.08 -17.44
N GLU A 77 -19.17 -8.80 -18.74
CA GLU A 77 -19.13 -9.83 -19.77
C GLU A 77 -17.71 -10.07 -20.27
N THR A 78 -16.89 -9.02 -20.27
CA THR A 78 -15.48 -9.13 -20.63
C THR A 78 -14.61 -9.21 -19.38
N GLU A 79 -13.36 -9.64 -19.56
CA GLU A 79 -12.39 -9.71 -18.47
C GLU A 79 -12.09 -8.32 -17.92
N LEU A 80 -11.99 -7.35 -18.83
CA LEU A 80 -11.74 -5.95 -18.45
C LEU A 80 -12.88 -5.39 -17.60
N ALA A 81 -14.12 -5.70 -17.98
CA ALA A 81 -15.29 -5.22 -17.24
C ALA A 81 -15.34 -5.81 -15.84
N ARG A 82 -15.15 -7.13 -15.75
CA ARG A 82 -15.13 -7.81 -14.46
C ARG A 82 -14.00 -7.29 -13.56
N TYR A 83 -12.84 -7.00 -14.15
CA TYR A 83 -11.72 -6.41 -13.42
C TYR A 83 -12.07 -5.03 -12.85
N ARG A 84 -12.58 -4.14 -13.70
CA ARG A 84 -12.98 -2.79 -13.27
C ARG A 84 -14.07 -2.81 -12.21
N ASN A 85 -15.04 -3.71 -12.35
CA ASN A 85 -16.14 -3.82 -11.40
C ASN A 85 -15.69 -4.40 -10.05
N ALA A 86 -14.75 -5.33 -10.09
CA ALA A 86 -14.15 -5.88 -8.88
C ALA A 86 -13.47 -4.79 -8.06
N LYS A 87 -12.80 -3.88 -8.76
CA LYS A 87 -12.15 -2.71 -8.13
C LYS A 87 -13.13 -1.74 -7.45
N SER A 88 -14.43 -1.92 -7.71
CA SER A 88 -15.48 -1.17 -7.02
C SER A 88 -16.27 -2.06 -6.05
N THR A 89 -15.72 -3.24 -5.75
CA THR A 89 -16.39 -4.21 -4.91
C THR A 89 -15.62 -4.38 -3.59
N LEU A 90 -16.35 -4.34 -2.48
CA LEU A 90 -15.81 -4.59 -1.15
C LEU A 90 -16.30 -5.95 -0.68
N VAL A 91 -15.40 -6.72 -0.07
CA VAL A 91 -15.74 -8.04 0.47
C VAL A 91 -15.37 -8.05 1.95
N VAL A 92 -16.33 -8.41 2.80
CA VAL A 92 -16.15 -8.39 4.24
C VAL A 92 -16.10 -9.83 4.76
N GLY A 93 -14.93 -10.22 5.26
CA GLY A 93 -14.69 -11.60 5.66
C GLY A 93 -13.88 -11.75 6.94
N VAL A 94 -13.59 -13.00 7.29
CA VAL A 94 -12.83 -13.34 8.49
C VAL A 94 -11.44 -13.83 8.06
N ARG A 95 -10.40 -13.34 8.72
CA ARG A 95 -9.05 -13.82 8.45
C ARG A 95 -8.85 -15.14 9.18
N ARG A 96 -8.65 -16.22 8.43
CA ARG A 96 -8.50 -17.55 8.99
C ARG A 96 -7.06 -18.06 8.98
N THR A 97 -6.18 -17.40 8.24
CA THR A 97 -4.76 -17.75 8.21
C THR A 97 -4.05 -17.17 9.42
N LEU A 98 -3.57 -18.06 10.30
CA LEU A 98 -2.89 -17.70 11.54
C LEU A 98 -1.56 -16.99 11.26
N LYS A 99 -0.75 -17.59 10.42
CA LYS A 99 0.60 -17.09 10.09
C LYS A 99 0.56 -15.71 9.42
N PHE A 100 1.42 -14.81 9.88
CA PHE A 100 1.70 -13.54 9.19
C PHE A 100 2.89 -13.79 8.26
N ASP A 101 2.81 -13.28 7.04
CA ASP A 101 3.96 -13.38 6.12
C ASP A 101 5.06 -12.42 6.57
N SER A 102 6.31 -12.77 6.28
CA SER A 102 7.42 -11.86 6.48
C SER A 102 7.31 -10.74 5.45
N CYS A 103 7.95 -9.61 5.72
CA CYS A 103 7.83 -8.46 4.84
C CYS A 103 9.13 -7.67 4.73
N LYS A 104 10.24 -8.40 4.59
CA LYS A 104 11.56 -7.77 4.43
C LYS A 104 11.65 -7.10 3.06
N PRO A 105 12.40 -5.99 2.96
CA PRO A 105 13.17 -5.32 4.00
C PRO A 105 12.39 -4.25 4.78
N SER A 106 11.12 -4.03 4.44
CA SER A 106 10.29 -3.01 5.12
C SER A 106 10.07 -3.31 6.60
N ALA A 107 9.74 -4.56 6.91
CA ALA A 107 9.34 -4.93 8.27
C ALA A 107 9.47 -6.42 8.51
N GLU A 108 9.40 -6.82 9.78
CA GLU A 108 9.44 -8.24 10.16
C GLU A 108 8.23 -8.99 9.61
N TYR A 109 7.04 -8.40 9.77
CA TYR A 109 5.80 -9.05 9.35
C TYR A 109 4.83 -8.11 8.64
N ALA A 110 3.96 -8.67 7.82
CA ALA A 110 2.81 -7.96 7.27
C ALA A 110 1.59 -8.28 8.13
N ILE A 111 1.04 -7.26 8.78
CA ILE A 111 -0.18 -7.44 9.58
C ILE A 111 -1.39 -7.39 8.63
N PRO A 112 -2.20 -8.47 8.58
CA PRO A 112 -3.27 -8.57 7.58
C PRO A 112 -4.61 -7.96 8.00
N LEU A 113 -4.81 -6.68 7.68
CA LEU A 113 -6.05 -5.97 7.97
C LEU A 113 -6.94 -5.85 6.73
N ALA A 114 -6.31 -5.79 5.56
CA ALA A 114 -7.04 -5.70 4.30
C ALA A 114 -6.20 -6.25 3.16
N THR A 115 -6.88 -6.54 2.05
CA THR A 115 -6.22 -6.93 0.81
C THR A 115 -6.93 -6.26 -0.35
N GLY A 116 -6.16 -5.85 -1.36
CA GLY A 116 -6.71 -5.23 -2.55
C GLY A 116 -6.78 -3.71 -2.46
N CYS A 117 -7.16 -3.08 -3.55
CA CYS A 117 -7.10 -1.62 -3.65
C CYS A 117 -8.03 -1.11 -4.72
N MET A 118 -8.59 0.09 -4.53
CA MET A 118 -9.46 0.72 -5.52
C MET A 118 -8.65 1.44 -6.61
N GLY A 119 -7.34 1.57 -6.39
CA GLY A 119 -6.46 2.23 -7.36
C GLY A 119 -6.24 1.44 -8.64
N HIS A 120 -5.72 2.13 -9.65
CA HIS A 120 -5.54 1.57 -10.98
C HIS A 120 -4.13 1.83 -11.50
N CYS A 121 -3.14 1.74 -10.62
CA CYS A 121 -1.76 1.92 -11.02
C CYS A 121 -1.37 0.84 -12.03
N HIS A 122 -0.95 1.27 -13.21
CA HIS A 122 -0.69 0.35 -14.34
C HIS A 122 0.35 -0.72 -14.00
N TYR A 123 1.34 -0.31 -13.22
CA TYR A 123 2.48 -1.15 -12.86
C TYR A 123 2.24 -2.05 -11.63
N CYS A 124 1.11 -1.88 -10.95
CA CYS A 124 0.90 -2.46 -9.62
C CYS A 124 1.30 -3.94 -9.53
N TYR A 125 2.22 -4.26 -8.62
CA TYR A 125 2.77 -5.62 -8.50
C TYR A 125 1.75 -6.61 -7.94
N LEU A 126 0.72 -6.10 -7.27
CA LEU A 126 -0.33 -6.95 -6.72
C LEU A 126 -1.09 -7.71 -7.81
N GLN A 127 -1.13 -7.12 -9.01
CA GLN A 127 -1.84 -7.73 -10.15
C GLN A 127 -1.36 -9.14 -10.47
N THR A 128 -0.07 -9.41 -10.29
CA THR A 128 0.51 -10.71 -10.61
C THR A 128 1.05 -11.46 -9.38
N THR A 129 0.65 -11.02 -8.19
CA THR A 129 1.00 -11.74 -6.96
C THR A 129 0.09 -12.96 -6.82
N LEU A 130 0.70 -14.10 -6.46
CA LEU A 130 -0.02 -15.36 -6.28
C LEU A 130 -1.23 -15.24 -5.36
N GLY A 131 -2.41 -15.56 -5.88
CA GLY A 131 -3.62 -15.60 -5.08
C GLY A 131 -4.25 -14.23 -4.82
N SER A 132 -3.72 -13.20 -5.48
CA SER A 132 -4.26 -11.85 -5.32
C SER A 132 -5.60 -11.74 -6.03
N LYS A 133 -6.50 -10.94 -5.47
CA LYS A 133 -7.81 -10.70 -6.04
C LYS A 133 -7.96 -9.22 -6.37
N PRO A 134 -8.69 -8.90 -7.45
CA PRO A 134 -8.88 -7.52 -7.86
C PRO A 134 -9.79 -6.71 -6.93
N TYR A 135 -10.67 -7.39 -6.19
CA TYR A 135 -11.60 -6.71 -5.28
C TYR A 135 -10.94 -6.36 -3.96
N ILE A 136 -11.58 -5.46 -3.21
CA ILE A 136 -11.06 -5.01 -1.92
C ILE A 136 -11.66 -5.88 -0.81
N ARG A 137 -10.79 -6.41 0.04
CA ARG A 137 -11.19 -7.25 1.17
C ARG A 137 -10.83 -6.56 2.47
N VAL A 138 -11.72 -6.67 3.45
CA VAL A 138 -11.41 -6.23 4.81
C VAL A 138 -11.75 -7.34 5.79
N TYR A 139 -10.89 -7.50 6.81
CA TYR A 139 -11.07 -8.55 7.82
C TYR A 139 -11.67 -7.96 9.08
N VAL A 140 -12.61 -8.69 9.67
CA VAL A 140 -13.39 -8.19 10.81
C VAL A 140 -12.92 -8.70 12.17
N ASN A 141 -12.15 -9.78 12.18
CA ASN A 141 -11.72 -10.41 13.45
C ASN A 141 -10.44 -9.79 13.99
N LEU A 142 -10.51 -8.50 14.33
CA LEU A 142 -9.35 -7.74 14.77
C LEU A 142 -8.77 -8.23 16.10
N ASP A 143 -9.63 -8.71 16.99
CA ASP A 143 -9.19 -9.31 18.26
C ASP A 143 -8.22 -10.46 17.97
N ASP A 144 -8.61 -11.38 17.09
CA ASP A 144 -7.74 -12.48 16.66
C ASP A 144 -6.44 -11.97 16.05
N ILE A 145 -6.55 -10.98 15.17
CA ILE A 145 -5.40 -10.48 14.41
C ILE A 145 -4.40 -9.77 15.33
N PHE A 146 -4.89 -8.89 16.20
CA PHE A 146 -4.01 -8.17 17.13
C PHE A 146 -3.40 -9.09 18.18
N ALA A 147 -4.16 -10.11 18.60
CA ALA A 147 -3.65 -11.11 19.54
C ALA A 147 -2.47 -11.88 18.93
N GLN A 148 -2.57 -12.20 17.64
CA GLN A 148 -1.49 -12.87 16.94
C GLN A 148 -0.28 -11.94 16.80
N ALA A 149 -0.53 -10.67 16.49
CA ALA A 149 0.54 -9.68 16.43
C ALA A 149 1.30 -9.59 17.76
N GLN A 150 0.55 -9.52 18.86
CA GLN A 150 1.15 -9.50 20.20
C GLN A 150 2.02 -10.73 20.47
N LYS A 151 1.55 -11.88 19.96
CA LYS A 151 2.28 -13.14 20.08
C LYS A 151 3.65 -13.07 19.39
N TYR A 152 3.67 -12.52 18.18
CA TYR A 152 4.92 -12.31 17.46
C TYR A 152 5.85 -11.33 18.20
N ILE A 153 5.28 -10.26 18.75
CA ILE A 153 6.04 -9.27 19.52
C ILE A 153 6.69 -9.95 20.74
N ASN A 154 5.88 -10.69 21.49
CA ASN A 154 6.36 -11.44 22.65
C ASN A 154 7.50 -12.41 22.32
N GLU A 155 7.37 -13.11 21.19
CA GLU A 155 8.37 -14.08 20.75
C GLU A 155 9.75 -13.48 20.47
N ARG A 156 9.80 -12.18 20.16
CA ARG A 156 11.05 -11.50 19.81
C ARG A 156 11.52 -10.46 20.84
N ALA A 157 10.62 -10.01 21.71
CA ALA A 157 10.97 -9.02 22.73
C ALA A 157 12.21 -9.47 23.52
N PRO A 158 13.07 -8.53 23.95
CA PRO A 158 12.95 -7.08 23.85
C PRO A 158 13.43 -6.45 22.53
N GLU A 159 13.71 -7.26 21.51
CA GLU A 159 13.94 -6.71 20.17
C GLU A 159 12.65 -6.09 19.66
N ILE A 160 12.76 -5.09 18.80
CA ILE A 160 11.59 -4.43 18.23
C ILE A 160 11.07 -5.27 17.06
N THR A 161 9.75 -5.40 16.97
CA THR A 161 9.09 -6.07 15.85
C THR A 161 8.22 -5.06 15.08
N ARG A 162 8.55 -4.86 13.81
CA ARG A 162 7.83 -3.94 12.94
CA ARG A 162 7.82 -3.94 12.94
C ARG A 162 6.77 -4.67 12.13
N PHE A 163 5.60 -4.06 12.00
CA PHE A 163 4.50 -4.62 11.19
C PHE A 163 4.17 -3.67 10.04
N GLU A 164 4.08 -4.21 8.84
CA GLU A 164 3.66 -3.46 7.65
C GLU A 164 2.18 -3.73 7.42
N ALA A 165 1.37 -2.68 7.36
CA ALA A 165 -0.08 -2.84 7.20
C ALA A 165 -0.58 -2.59 5.78
N ALA A 166 0.33 -2.22 4.87
CA ALA A 166 -0.05 -1.90 3.49
C ALA A 166 0.71 -2.74 2.46
N ALA A 167 1.04 -3.98 2.81
CA ALA A 167 1.80 -4.85 1.92
C ALA A 167 1.00 -5.33 0.71
N THR A 168 -0.30 -5.55 0.90
CA THR A 168 -1.16 -6.08 -0.15
C THR A 168 -2.42 -5.24 -0.39
N SER A 169 -2.42 -4.01 0.12
CA SER A 169 -3.57 -3.11 -0.03
C SER A 169 -3.15 -1.66 0.14
N ASP A 170 -4.05 -0.74 -0.18
CA ASP A 170 -3.95 0.62 0.33
C ASP A 170 -4.84 0.72 1.56
N ILE A 171 -4.27 0.34 2.70
CA ILE A 171 -5.01 0.27 3.95
C ILE A 171 -5.51 1.65 4.38
N VAL A 172 -4.72 2.70 4.14
CA VAL A 172 -5.13 4.07 4.47
C VAL A 172 -6.34 4.49 3.63
N GLY A 173 -6.28 4.25 2.32
CA GLY A 173 -7.34 4.64 1.41
C GLY A 173 -8.69 3.99 1.70
N ILE A 174 -8.67 2.79 2.26
CA ILE A 174 -9.88 2.07 2.63
C ILE A 174 -10.41 2.48 4.02
N ASP A 175 -9.51 2.97 4.88
CA ASP A 175 -9.77 2.99 6.33
C ASP A 175 -10.92 3.87 6.83
N HIS A 176 -11.28 4.92 6.11
CA HIS A 176 -12.42 5.76 6.49
C HIS A 176 -13.73 4.97 6.61
N LEU A 177 -13.78 3.79 5.98
CA LEU A 177 -14.93 2.90 6.06
C LEU A 177 -14.94 2.04 7.33
N THR A 178 -13.77 1.66 7.82
CA THR A 178 -13.65 0.65 8.87
C THR A 178 -13.02 1.14 10.18
N HIS A 179 -12.06 2.07 10.08
CA HIS A 179 -11.21 2.48 11.20
C HIS A 179 -10.37 1.33 11.76
N SER A 180 -10.14 0.28 10.96
CA SER A 180 -9.34 -0.87 11.39
C SER A 180 -7.88 -0.48 11.60
N LEU A 181 -7.37 0.42 10.75
CA LEU A 181 -6.00 0.91 10.87
C LEU A 181 -5.85 1.79 12.10
N LYS A 182 -6.84 2.63 12.37
CA LYS A 182 -6.84 3.48 13.56
C LYS A 182 -6.74 2.62 14.81
N LYS A 183 -7.50 1.53 14.85
CA LYS A 183 -7.44 0.58 15.97
C LYS A 183 -6.08 -0.13 16.06
N ALA A 184 -5.50 -0.46 14.91
CA ALA A 184 -4.17 -1.07 14.86
C ALA A 184 -3.10 -0.11 15.37
N ILE A 185 -3.16 1.14 14.92
CA ILE A 185 -2.25 2.20 15.37
C ILE A 185 -2.27 2.32 16.90
N GLU A 186 -3.47 2.32 17.47
CA GLU A 186 -3.63 2.48 18.91
C GLU A 186 -3.27 1.20 19.69
N PHE A 187 -3.47 0.04 19.06
CA PHE A 187 -3.00 -1.23 19.61
C PHE A 187 -1.47 -1.25 19.73
N ILE A 188 -0.80 -0.94 18.63
CA ILE A 188 0.66 -0.91 18.60
C ILE A 188 1.22 0.19 19.51
N GLY A 189 0.54 1.33 19.56
CA GLY A 189 0.94 2.43 20.44
C GLY A 189 1.01 2.04 21.91
N ALA A 190 0.16 1.10 22.31
CA ALA A 190 0.10 0.63 23.70
C ALA A 190 1.17 -0.41 24.03
N THR A 191 1.73 -1.06 23.01
CA THR A 191 2.78 -2.06 23.23
C THR A 191 4.12 -1.39 23.55
N ASP A 192 5.02 -2.15 24.16
CA ASP A 192 6.37 -1.67 24.43
C ASP A 192 7.31 -1.87 23.24
N TYR A 193 7.23 -3.05 22.62
CA TYR A 193 8.22 -3.47 21.62
C TYR A 193 7.67 -3.59 20.19
N GLY A 194 6.43 -3.16 19.97
CA GLY A 194 5.81 -3.22 18.65
C GLY A 194 5.89 -1.88 17.93
N ARG A 195 6.07 -1.94 16.62
CA ARG A 195 6.05 -0.75 15.76
C ARG A 195 5.18 -1.02 14.54
N LEU A 196 4.52 0.01 14.04
CA LEU A 196 3.64 -0.11 12.87
C LEU A 196 4.12 0.82 11.77
N ARG A 197 3.93 0.39 10.53
CA ARG A 197 4.21 1.25 9.39
C ARG A 197 3.31 0.90 8.22
N PHE A 198 3.03 1.90 7.39
CA PHE A 198 2.24 1.71 6.18
C PHE A 198 2.49 2.86 5.23
N VAL A 199 2.22 2.61 3.95
CA VAL A 199 2.43 3.59 2.90
C VAL A 199 1.14 3.71 2.06
N THR A 200 0.85 4.93 1.61
CA THR A 200 -0.39 5.21 0.89
C THR A 200 -0.19 6.14 -0.31
N LYS A 201 -1.16 6.10 -1.23
CA LYS A 201 -1.27 7.03 -2.33
C LYS A 201 -2.54 7.88 -2.19
N TYR A 202 -3.12 7.89 -0.98
CA TYR A 202 -4.40 8.57 -0.74
C TYR A 202 -4.31 9.62 0.36
N GLU A 203 -5.11 10.67 0.22
CA GLU A 203 -5.05 11.83 1.10
C GLU A 203 -6.08 11.80 2.23
N HIS A 204 -6.91 10.77 2.26
CA HIS A 204 -8.07 10.74 3.17
C HIS A 204 -7.66 10.25 4.56
N VAL A 205 -6.90 11.09 5.25
CA VAL A 205 -6.25 10.73 6.52
C VAL A 205 -6.85 11.43 7.75
N ASP A 206 -7.88 12.24 7.54
CA ASP A 206 -8.43 13.11 8.61
C ASP A 206 -8.79 12.35 9.89
N HIS A 207 -9.44 11.20 9.74
CA HIS A 207 -9.89 10.41 10.90
C HIS A 207 -8.74 9.80 11.73
N LEU A 208 -7.53 9.75 11.15
CA LEU A 208 -6.36 9.17 11.82
C LEU A 208 -5.55 10.18 12.61
N LEU A 209 -5.85 11.47 12.46
CA LEU A 209 -5.01 12.53 13.02
C LEU A 209 -5.03 12.59 14.55
N ASP A 210 -6.13 12.19 15.18
CA ASP A 210 -6.22 12.19 16.65
C ASP A 210 -5.98 10.82 17.29
N ALA A 211 -5.52 9.84 16.50
CA ALA A 211 -5.26 8.51 17.02
C ALA A 211 -4.08 8.53 17.99
N ARG A 212 -4.16 7.73 19.05
CA ARG A 212 -3.09 7.64 20.03
C ARG A 212 -1.98 6.73 19.52
N HIS A 213 -1.18 7.26 18.59
CA HIS A 213 -0.09 6.51 17.97
C HIS A 213 1.13 6.36 18.90
N ASN A 214 1.32 7.30 19.81
CA ASN A 214 2.39 7.23 20.82
C ASN A 214 3.80 7.13 20.23
N GLY A 215 4.01 7.74 19.07
CA GLY A 215 5.31 7.74 18.39
C GLY A 215 5.75 6.42 17.76
N LYS A 216 4.86 5.42 17.73
CA LYS A 216 5.25 4.06 17.30
C LYS A 216 4.78 3.68 15.89
N THR A 217 4.20 4.64 15.16
CA THR A 217 3.75 4.41 13.78
C THR A 217 4.48 5.33 12.77
N ARG A 218 5.04 4.73 11.74
CA ARG A 218 5.63 5.46 10.61
C ARG A 218 4.61 5.56 9.48
N PHE A 219 4.15 6.78 9.22
CA PHE A 219 3.14 7.07 8.21
C PHE A 219 3.87 7.48 6.93
N ARG A 220 3.79 6.65 5.89
CA ARG A 220 4.52 6.91 4.63
C ARG A 220 3.60 7.21 3.45
N PHE A 221 4.16 7.89 2.46
CA PHE A 221 3.45 8.19 1.23
C PHE A 221 4.29 7.79 0.04
N SER A 222 3.65 7.17 -0.95
CA SER A 222 4.32 6.84 -2.20
C SER A 222 4.37 8.07 -3.09
N ILE A 223 5.58 8.40 -3.56
CA ILE A 223 5.79 9.53 -4.45
C ILE A 223 6.62 9.10 -5.64
N ASN A 224 6.58 9.93 -6.69
CA ASN A 224 7.24 9.58 -7.94
C ASN A 224 7.35 10.80 -8.84
N SER A 225 8.01 10.62 -9.98
CA SER A 225 8.12 11.69 -10.96
C SER A 225 6.75 12.04 -11.53
N ARG A 226 6.65 13.26 -12.02
CA ARG A 226 5.43 13.74 -12.68
C ARG A 226 5.01 12.77 -13.80
N TYR A 227 5.99 12.29 -14.55
CA TYR A 227 5.75 11.33 -15.64
C TYR A 227 5.02 10.08 -15.15
N VAL A 228 5.53 9.48 -14.08
CA VAL A 228 4.98 8.23 -13.54
C VAL A 228 3.58 8.43 -12.96
N ILE A 229 3.40 9.49 -12.18
CA ILE A 229 2.10 9.74 -11.54
C ILE A 229 1.04 10.02 -12.60
N ASN A 230 1.36 10.91 -13.53
CA ASN A 230 0.42 11.29 -14.59
C ASN A 230 0.05 10.15 -15.53
N HIS A 231 1.03 9.34 -15.93
CA HIS A 231 0.80 8.26 -16.90
C HIS A 231 0.35 6.93 -16.28
N PHE A 232 0.78 6.62 -15.06
CA PHE A 232 0.59 5.27 -14.51
C PHE A 232 -0.21 5.16 -13.22
N GLU A 233 -0.64 6.28 -12.62
CA GLU A 233 -1.31 6.21 -11.31
C GLU A 233 -2.74 6.79 -11.28
N PRO A 234 -3.60 6.38 -12.24
CA PRO A 234 -4.98 6.86 -12.18
C PRO A 234 -5.76 6.25 -11.00
N GLY A 235 -6.77 6.98 -10.53
CA GLY A 235 -7.60 6.52 -9.42
C GLY A 235 -6.95 6.66 -8.05
N THR A 236 -5.85 7.41 -7.97
CA THR A 236 -5.20 7.73 -6.71
C THR A 236 -5.30 9.23 -6.43
N SER A 237 -4.86 9.65 -5.26
CA SER A 237 -4.81 11.08 -4.95
C SER A 237 -3.62 11.70 -5.67
N SER A 238 -3.72 13.01 -5.92
CA SER A 238 -2.66 13.75 -6.60
C SER A 238 -1.45 13.92 -5.69
N PHE A 239 -0.33 14.30 -6.30
CA PHE A 239 0.90 14.56 -5.55
C PHE A 239 0.67 15.64 -4.49
N ASP A 240 -0.03 16.72 -4.86
CA ASP A 240 -0.37 17.79 -3.92
C ASP A 240 -1.27 17.28 -2.80
N GLY A 241 -2.21 16.40 -3.14
CA GLY A 241 -3.07 15.75 -2.14
C GLY A 241 -2.29 14.90 -1.16
N ARG A 242 -1.35 14.11 -1.67
CA ARG A 242 -0.51 13.26 -0.84
C ARG A 242 0.36 14.08 0.11
N LEU A 243 0.87 15.21 -0.38
CA LEU A 243 1.74 16.08 0.41
C LEU A 243 0.95 16.88 1.46
N ALA A 244 -0.25 17.32 1.10
CA ALA A 244 -1.14 17.96 2.08
C ALA A 244 -1.40 17.00 3.24
N ALA A 245 -1.66 15.73 2.91
CA ALA A 245 -1.85 14.69 3.92
C ALA A 245 -0.60 14.46 4.76
N ALA A 246 0.57 14.52 4.11
CA ALA A 246 1.85 14.34 4.79
C ALA A 246 2.10 15.43 5.84
N ARG A 247 1.75 16.66 5.51
CA ARG A 247 1.86 17.78 6.44
C ARG A 247 0.91 17.60 7.63
N LYS A 248 -0.28 17.07 7.37
CA LYS A 248 -1.26 16.81 8.43
C LYS A 248 -0.75 15.76 9.42
N VAL A 249 -0.29 14.63 8.90
CA VAL A 249 0.12 13.52 9.77
C VAL A 249 1.39 13.86 10.57
N ALA A 250 2.31 14.58 9.94
CA ALA A 250 3.50 15.10 10.64
C ALA A 250 3.10 16.08 11.74
N GLY A 251 2.16 16.97 11.42
CA GLY A 251 1.63 17.93 12.40
C GLY A 251 0.91 17.27 13.57
N ALA A 252 0.38 16.07 13.35
CA ALA A 252 -0.30 15.29 14.40
C ALA A 252 0.68 14.40 15.18
N GLY A 253 1.97 14.45 14.84
CA GLY A 253 3.00 13.76 15.61
C GLY A 253 3.43 12.41 15.07
N TYR A 254 2.87 11.97 13.95
CA TYR A 254 3.31 10.72 13.33
C TYR A 254 4.75 10.87 12.83
N LYS A 255 5.52 9.78 12.90
CA LYS A 255 6.77 9.69 12.17
C LYS A 255 6.45 9.68 10.68
N LEU A 256 7.14 10.50 9.92
CA LEU A 256 6.85 10.66 8.48
C LEU A 256 7.91 9.94 7.66
N GLY A 257 7.46 9.34 6.55
CA GLY A 257 8.37 8.72 5.59
C GLY A 257 7.84 8.82 4.18
N PHE A 258 8.71 8.56 3.21
CA PHE A 258 8.32 8.51 1.80
C PHE A 258 8.89 7.27 1.14
N VAL A 259 8.12 6.69 0.23
CA VAL A 259 8.54 5.55 -0.56
C VAL A 259 8.59 6.03 -2.01
N VAL A 260 9.80 6.10 -2.56
CA VAL A 260 9.99 6.49 -3.96
C VAL A 260 9.95 5.20 -4.77
N ALA A 261 8.79 4.92 -5.36
CA ALA A 261 8.56 3.66 -6.04
C ALA A 261 7.29 3.72 -6.89
N PRO A 262 7.30 3.07 -8.07
CA PRO A 262 8.42 2.41 -8.72
C PRO A 262 9.38 3.42 -9.34
N ILE A 263 10.67 3.26 -9.11
CA ILE A 263 11.68 4.10 -9.78
C ILE A 263 11.84 3.57 -11.21
N TYR A 264 11.46 4.41 -12.17
CA TYR A 264 11.23 3.99 -13.53
C TYR A 264 12.05 4.87 -14.48
N ARG A 265 12.84 4.25 -15.34
CA ARG A 265 13.75 4.98 -16.22
C ARG A 265 13.03 5.46 -17.49
N HIS A 266 12.07 6.34 -17.32
CA HIS A 266 11.38 6.97 -18.45
C HIS A 266 12.28 8.01 -19.10
N GLU A 267 11.93 8.40 -20.32
CA GLU A 267 12.66 9.47 -21.01
C GLU A 267 12.68 10.70 -20.10
N GLY A 268 13.88 11.19 -19.82
CA GLY A 268 14.06 12.35 -18.94
C GLY A 268 13.86 12.06 -17.46
N TRP A 269 14.11 10.82 -17.02
CA TRP A 269 13.95 10.46 -15.61
C TRP A 269 14.91 11.22 -14.69
N GLU A 270 16.12 11.50 -15.17
CA GLU A 270 17.10 12.16 -14.32
C GLU A 270 16.58 13.50 -13.80
N ARG A 271 16.11 14.34 -14.71
CA ARG A 271 15.54 15.64 -14.34
C ARG A 271 14.19 15.49 -13.66
N GLY A 272 13.40 14.52 -14.12
CA GLY A 272 12.09 14.25 -13.53
C GLY A 272 12.16 13.97 -12.04
N TYR A 273 13.07 13.08 -11.66
CA TYR A 273 13.26 12.76 -10.24
C TYR A 273 13.98 13.86 -9.47
N PHE A 274 14.85 14.62 -10.14
CA PHE A 274 15.44 15.82 -9.52
C PHE A 274 14.34 16.79 -9.10
N GLU A 275 13.39 17.03 -9.99
CA GLU A 275 12.30 17.97 -9.71
C GLU A 275 11.32 17.45 -8.65
N LEU A 276 11.19 16.13 -8.55
CA LEU A 276 10.38 15.52 -7.49
C LEU A 276 10.92 15.93 -6.12
N PHE A 277 12.20 15.66 -5.89
CA PHE A 277 12.82 15.95 -4.59
C PHE A 277 12.91 17.44 -4.30
N GLN A 278 13.08 18.25 -5.35
CA GLN A 278 13.07 19.71 -5.23
C GLN A 278 11.70 20.21 -4.80
N GLU A 279 10.66 19.73 -5.46
CA GLU A 279 9.29 20.10 -5.11
C GLU A 279 8.90 19.55 -3.73
N LEU A 280 9.37 18.35 -3.41
CA LEU A 280 9.11 17.74 -2.10
C LEU A 280 9.66 18.59 -0.96
N ALA A 281 10.89 19.10 -1.16
CA ALA A 281 11.53 19.97 -0.16
C ALA A 281 10.78 21.29 0.03
N ARG A 282 10.31 21.87 -1.07
CA ARG A 282 9.53 23.12 -1.02
C ARG A 282 8.21 22.93 -0.27
N GLN A 283 7.57 21.79 -0.49
CA GLN A 283 6.27 21.50 0.14
C GLN A 283 6.39 21.07 1.61
N LEU A 284 7.60 20.80 2.07
CA LEU A 284 7.83 20.40 3.47
C LEU A 284 8.69 21.41 4.25
N GLU A 285 9.04 22.55 3.64
CA GLU A 285 9.95 23.51 4.29
C GLU A 285 9.31 24.14 5.53
N GLY A 286 10.12 24.27 6.58
CA GLY A 286 9.64 24.75 7.88
C GLY A 286 9.52 23.62 8.89
N MET A 287 9.17 22.43 8.42
CA MET A 287 8.94 21.28 9.28
C MET A 287 10.25 20.67 9.77
N ASP A 288 10.19 19.99 10.92
CA ASP A 288 11.33 19.23 11.43
C ASP A 288 11.46 17.93 10.65
N LEU A 289 12.55 17.78 9.91
CA LEU A 289 12.80 16.61 9.09
C LEU A 289 14.03 15.83 9.58
N SER A 290 14.23 15.82 10.90
CA SER A 290 15.38 15.15 11.50
C SER A 290 15.23 13.63 11.53
N ASP A 291 14.00 13.15 11.53
CA ASP A 291 13.71 11.71 11.59
C ASP A 291 13.01 11.19 10.31
N LEU A 292 13.08 11.97 9.22
CA LEU A 292 12.46 11.59 7.96
C LEU A 292 13.17 10.40 7.32
N THR A 293 12.40 9.45 6.79
CA THR A 293 12.95 8.27 6.13
C THR A 293 12.56 8.18 4.65
N PHE A 294 13.43 7.56 3.85
CA PHE A 294 13.16 7.30 2.44
C PHE A 294 13.38 5.82 2.14
N GLU A 295 12.49 5.24 1.33
CA GLU A 295 12.65 3.88 0.84
C GLU A 295 12.59 3.94 -0.69
N LEU A 296 13.48 3.20 -1.34
CA LEU A 296 13.64 3.28 -2.80
C LEU A 296 13.41 1.91 -3.41
N ILE A 297 12.49 1.82 -4.37
CA ILE A 297 12.19 0.54 -5.03
C ILE A 297 12.13 0.76 -6.53
N GLN A 298 13.02 0.09 -7.26
CA GLN A 298 13.02 0.17 -8.73
C GLN A 298 11.85 -0.61 -9.30
N HIS A 299 11.41 -0.19 -10.48
CA HIS A 299 10.33 -0.89 -11.16
C HIS A 299 10.71 -2.34 -11.42
N ARG A 300 9.81 -3.24 -11.07
CA ARG A 300 9.96 -4.67 -11.31
C ARG A 300 8.66 -5.19 -11.90
N PHE A 301 8.76 -6.26 -12.69
CA PHE A 301 7.58 -6.93 -13.22
C PHE A 301 7.86 -8.41 -13.45
N THR A 302 6.78 -9.19 -13.48
CA THR A 302 6.87 -10.64 -13.60
C THR A 302 6.58 -11.07 -15.04
N LYS A 303 6.82 -12.35 -15.31
CA LYS A 303 6.60 -12.91 -16.64
C LYS A 303 5.16 -12.76 -17.16
N PRO A 304 4.14 -13.01 -16.31
CA PRO A 304 2.76 -12.81 -16.77
C PRO A 304 2.28 -11.36 -16.82
N ALA A 305 3.14 -10.40 -16.48
CA ALA A 305 2.75 -8.99 -16.38
C ALA A 305 2.24 -8.40 -17.69
N LYS A 306 2.98 -8.64 -18.78
CA LYS A 306 2.65 -8.07 -20.08
C LYS A 306 1.23 -8.43 -20.51
N ARG A 307 0.89 -9.73 -20.48
CA ARG A 307 -0.45 -10.18 -20.88
C ARG A 307 -1.56 -9.61 -19.98
N VAL A 308 -1.30 -9.54 -18.67
CA VAL A 308 -2.29 -9.01 -17.73
C VAL A 308 -2.46 -7.50 -17.88
N ILE A 309 -1.35 -6.78 -17.94
CA ILE A 309 -1.38 -5.31 -18.01
C ILE A 309 -1.93 -4.81 -19.36
N GLU A 310 -1.57 -5.48 -20.45
CA GLU A 310 -2.06 -5.09 -21.78
C GLU A 310 -3.58 -5.28 -21.92
N GLN A 311 -4.12 -6.28 -21.24
CA GLN A 311 -5.56 -6.52 -21.24
C GLN A 311 -6.30 -5.48 -20.40
N ARG A 312 -5.74 -5.14 -19.24
CA ARG A 312 -6.37 -4.21 -18.31
C ARG A 312 -6.14 -2.74 -18.64
N TYR A 313 -5.00 -2.44 -19.25
CA TYR A 313 -4.65 -1.05 -19.60
C TYR A 313 -4.09 -1.00 -21.04
N PRO A 314 -4.97 -1.13 -22.05
CA PRO A 314 -4.56 -1.22 -23.46
C PRO A 314 -3.74 -0.02 -23.95
N LYS A 315 -4.01 1.17 -23.42
CA LYS A 315 -3.34 2.40 -23.86
C LYS A 315 -2.10 2.76 -23.05
N THR A 316 -1.67 1.88 -22.14
CA THR A 316 -0.55 2.20 -21.25
C THR A 316 0.75 2.47 -22.01
N ARG A 317 1.53 3.41 -21.50
CA ARG A 317 2.87 3.67 -22.02
C ARG A 317 3.94 2.82 -21.30
N LEU A 318 3.50 1.97 -20.37
CA LEU A 318 4.43 1.22 -19.51
C LEU A 318 5.30 0.26 -20.33
N ASP A 319 6.61 0.40 -20.16
CA ASP A 319 7.59 -0.43 -20.86
C ASP A 319 7.82 -1.72 -20.09
N LEU A 320 7.45 -2.85 -20.69
CA LEU A 320 7.64 -4.16 -20.09
C LEU A 320 8.55 -5.03 -20.97
N ASP A 321 9.50 -4.39 -21.65
CA ASP A 321 10.43 -5.09 -22.52
C ASP A 321 11.46 -5.86 -21.70
N GLU A 322 11.28 -7.18 -21.63
CA GLU A 322 12.13 -8.04 -20.80
C GLU A 322 13.57 -8.19 -21.30
N THR A 323 13.79 -7.95 -22.60
CA THR A 323 15.13 -8.12 -23.19
C THR A 323 16.16 -7.14 -22.64
N LYS A 324 15.69 -5.98 -22.17
CA LYS A 324 16.57 -4.94 -21.62
C LYS A 324 16.70 -5.03 -20.09
N ARG A 325 16.32 -6.16 -19.51
CA ARG A 325 16.24 -6.32 -18.06
C ARG A 325 17.03 -7.53 -17.57
N LYS A 326 17.32 -7.56 -16.28
CA LYS A 326 17.92 -8.71 -15.62
C LYS A 326 16.82 -9.48 -14.89
N TYR A 327 16.87 -10.81 -14.96
CA TYR A 327 15.88 -11.65 -14.29
C TYR A 327 16.42 -12.21 -13.00
N LYS A 328 15.69 -12.01 -11.91
CA LYS A 328 16.00 -12.63 -10.63
C LYS A 328 15.06 -13.81 -10.45
N TRP A 329 15.65 -15.01 -10.30
CA TRP A 329 14.86 -16.24 -10.21
C TRP A 329 14.06 -16.30 -8.92
N GLY A 330 12.92 -16.96 -8.96
CA GLY A 330 12.07 -17.13 -7.79
C GLY A 330 12.67 -18.09 -6.78
N ARG A 331 12.15 -18.09 -5.56
CA ARG A 331 12.55 -19.06 -4.55
C ARG A 331 11.51 -20.17 -4.48
N TYR A 332 10.35 -19.89 -3.90
CA TYR A 332 9.24 -20.86 -3.88
C TYR A 332 8.18 -20.56 -4.93
N GLY A 333 8.19 -19.34 -5.46
CA GLY A 333 7.30 -18.95 -6.56
C GLY A 333 8.14 -18.59 -7.77
N ILE A 334 7.59 -17.74 -8.63
CA ILE A 334 8.36 -17.23 -9.77
C ILE A 334 9.05 -15.92 -9.41
N GLY A 335 10.05 -15.56 -10.21
CA GLY A 335 10.90 -14.42 -9.93
C GLY A 335 10.37 -13.12 -10.49
N LYS A 336 11.28 -12.25 -10.92
CA LYS A 336 10.91 -10.93 -11.42
C LYS A 336 12.03 -10.30 -12.24
N TYR A 337 11.64 -9.42 -13.16
CA TYR A 337 12.59 -8.61 -13.91
C TYR A 337 12.87 -7.31 -13.17
N VAL A 338 14.15 -6.98 -13.04
CA VAL A 338 14.60 -5.67 -12.56
C VAL A 338 15.59 -5.11 -13.58
N TYR A 339 15.97 -3.84 -13.42
CA TYR A 339 16.97 -3.24 -14.31
C TYR A 339 18.32 -3.94 -14.12
N ARG A 340 19.15 -3.89 -15.16
CA ARG A 340 20.49 -4.47 -15.09
C ARG A 340 21.29 -3.79 -13.99
N ASP A 341 22.28 -4.51 -13.44
CA ASP A 341 23.05 -4.03 -12.28
C ASP A 341 23.52 -2.59 -12.44
N GLU A 342 24.14 -2.28 -13.58
CA GLU A 342 24.67 -0.94 -13.82
C GLU A 342 23.58 0.13 -13.87
N GLU A 343 22.42 -0.19 -14.45
CA GLU A 343 21.27 0.75 -14.42
C GLU A 343 20.75 0.95 -13.00
N ALA A 344 20.64 -0.14 -12.25
CA ALA A 344 20.14 -0.10 -10.88
C ALA A 344 21.06 0.74 -9.98
N LYS A 345 22.36 0.53 -10.11
CA LYS A 345 23.34 1.33 -9.35
C LYS A 345 23.23 2.81 -9.71
N GLU A 346 23.09 3.09 -11.00
CA GLU A 346 22.90 4.46 -11.48
C GLU A 346 21.67 5.11 -10.86
N LEU A 347 20.57 4.37 -10.81
CA LEU A 347 19.36 4.85 -10.16
C LEU A 347 19.60 5.12 -8.67
N GLU A 348 20.18 4.14 -7.99
CA GLU A 348 20.42 4.27 -6.54
C GLU A 348 21.30 5.48 -6.23
N ASP A 349 22.44 5.57 -6.90
CA ASP A 349 23.39 6.66 -6.64
C ASP A 349 22.75 8.02 -6.90
N THR A 350 21.96 8.12 -7.97
CA THR A 350 21.31 9.38 -8.33
C THR A 350 20.25 9.79 -7.30
N MET A 351 19.42 8.84 -6.87
CA MET A 351 18.42 9.11 -5.83
C MET A 351 19.08 9.51 -4.52
N ARG A 352 20.14 8.80 -4.13
CA ARG A 352 20.88 9.13 -2.91
C ARG A 352 21.48 10.54 -2.96
N ARG A 353 22.01 10.92 -4.12
CA ARG A 353 22.51 12.29 -4.33
C ARG A 353 21.42 13.33 -4.10
N TYR A 354 20.24 13.12 -4.69
CA TYR A 354 19.14 14.08 -4.55
C TYR A 354 18.65 14.20 -3.11
N ILE A 355 18.53 13.07 -2.42
CA ILE A 355 18.08 13.03 -1.04
C ILE A 355 19.09 13.75 -0.13
N GLU A 356 20.38 13.51 -0.36
CA GLU A 356 21.45 14.21 0.37
C GLU A 356 21.43 15.72 0.11
N GLN A 357 21.10 16.10 -1.12
CA GLN A 357 21.06 17.51 -1.51
C GLN A 357 19.88 18.25 -0.89
N PHE A 358 18.69 17.66 -0.96
CA PHE A 358 17.47 18.35 -0.52
C PHE A 358 17.00 17.98 0.89
N PHE A 359 17.51 16.87 1.43
CA PHE A 359 17.12 16.40 2.77
C PHE A 359 18.32 15.87 3.56
N PRO A 360 19.25 16.78 3.95
CA PRO A 360 20.41 16.33 4.72
C PRO A 360 19.99 15.73 6.06
N GLY A 361 20.56 14.58 6.41
CA GLY A 361 20.23 13.91 7.67
C GLY A 361 19.01 12.99 7.62
N ALA A 362 18.31 12.97 6.48
CA ALA A 362 17.24 11.99 6.27
C ALA A 362 17.89 10.64 6.01
N TYR A 363 17.26 9.58 6.50
CA TYR A 363 17.83 8.24 6.39
C TYR A 363 17.22 7.46 5.23
N VAL A 364 18.07 6.98 4.33
CA VAL A 364 17.65 6.06 3.27
C VAL A 364 17.71 4.65 3.85
N GLN A 365 16.55 4.04 4.06
CA GLN A 365 16.48 2.72 4.70
C GLN A 365 17.01 1.61 3.81
N TYR A 366 16.69 1.67 2.53
CA TYR A 366 17.17 0.69 1.57
C TYR A 366 16.94 1.11 0.13
N PHE A 367 17.64 0.46 -0.79
CA PHE A 367 17.32 0.46 -2.21
C PHE A 367 17.17 -0.98 -2.64
N THR A 368 16.10 -1.30 -3.34
CA THR A 368 15.92 -2.64 -3.89
C THR A 368 15.26 -2.57 -5.26
C2 EEM B . 8.12 -1.41 -8.06
N3 EEM B . 7.30 -0.86 -7.11
C4 EEM B . 5.97 -1.09 -7.15
C1' EEM B . 5.15 0.20 -5.17
C2' EEM B . 4.04 1.20 -4.95
C3' EEM B . 4.20 1.47 -3.47
C4' EEM B . 4.74 0.17 -2.90
C5' EEM B . 3.70 -0.62 -2.11
O EEM B . 0.71 2.41 -3.43
C EEM B . 0.82 2.38 -2.19
OXT EEM B . 1.69 3.08 -1.67
CA EEM B . -0.08 1.52 -1.32
N EEM B . -1.34 1.13 -2.02
CB EEM B . 0.67 0.29 -0.78
CG EEM B . 0.71 -0.99 -1.65
SE EEM B . 2.04 -0.90 -3.08
CE EEM B . 2.21 -2.76 -3.55
O4' EEM B . 5.20 -0.60 -4.00
O3' EEM B . 5.11 2.52 -3.27
O2' EEM B . 4.17 2.36 -5.75
N9 EEM B . 4.95 -0.67 -6.34
C8 EEM B . 3.78 -1.20 -6.82
N7 EEM B . 4.07 -1.94 -7.91
C5 EEM B . 5.40 -1.89 -8.12
N1 EEM B . 7.57 -2.20 -9.05
C6 EEM B . 6.22 -2.45 -9.10
N6 EEM B . 5.71 -3.22 -10.06
S SO4 C . 10.43 3.04 11.15
O1 SO4 C . 9.42 1.96 11.27
O2 SO4 C . 10.04 4.19 12.00
O3 SO4 C . 10.52 3.49 9.74
O4 SO4 C . 11.74 2.51 11.58
S SO4 D . -2.90 -11.43 1.56
O1 SO4 D . -3.30 -10.06 1.94
O2 SO4 D . -3.96 -12.39 1.92
O3 SO4 D . -2.67 -11.48 0.09
O4 SO4 D . -1.65 -11.81 2.26
S SO4 E . 9.52 -16.17 -3.74
O1 SO4 E . 8.22 -15.45 -3.78
O2 SO4 E . 10.60 -15.24 -3.36
O3 SO4 E . 9.45 -17.27 -2.75
O4 SO4 E . 9.79 -16.73 -5.09
S SO4 F . -28.63 -9.57 -6.91
O1 SO4 F . -29.76 -8.69 -6.53
O2 SO4 F . -27.58 -9.49 -5.88
O3 SO4 F . -29.11 -10.96 -7.02
O4 SO4 F . -28.09 -9.13 -8.21
S SO4 G . -18.26 -16.22 -11.47
O1 SO4 G . -19.38 -17.09 -11.05
O2 SO4 G . -18.71 -14.82 -11.46
O3 SO4 G . -17.83 -16.60 -12.83
O4 SO4 G . -17.12 -16.38 -10.53
S SO4 H . 3.86 -6.80 -12.30
O1 SO4 H . 2.47 -6.95 -11.81
O2 SO4 H . 4.65 -6.01 -11.32
O3 SO4 H . 4.48 -8.12 -12.48
O4 SO4 H . 3.83 -6.08 -13.59
C1 EDO I . 7.92 -8.68 -8.01
O1 EDO I . 8.09 -9.99 -7.46
C2 EDO I . 6.49 -8.53 -8.51
O2 EDO I . 6.38 -7.61 -9.59
FE1 SF4 J . -1.56 1.81 -7.01
FE2 SF4 J . -1.30 -1.16 -6.44
FE3 SF4 J . -3.53 0.47 -5.12
FE4 SF4 J . -0.69 0.97 -4.21
S1 SF4 J . -1.93 -0.76 -4.44
S2 SF4 J . -2.27 2.17 -5.04
S3 SF4 J . -0.04 0.54 -6.21
S4 SF4 J . -2.87 0.13 -7.12
#